data_8C42
#
_entry.id   8C42
#
_cell.length_a   81.726
_cell.length_b   111.773
_cell.length_c   62.592
_cell.angle_alpha   90.00
_cell.angle_beta   90.00
_cell.angle_gamma   90.00
#
_symmetry.space_group_name_H-M   'C 2 2 21'
#
loop_
_entity.id
_entity.type
_entity.pdbx_description
1 polymer '14-3-3 protein sigma'
2 polymer 'Estrogen receptor'
3 non-polymer 'MAGNESIUM ION'
4 non-polymer 'De-acetylated Fusicoccin'
5 water water
#
loop_
_entity_poly.entity_id
_entity_poly.type
_entity_poly.pdbx_seq_one_letter_code
_entity_poly.pdbx_strand_id
1 'polypeptide(L)'
;GAMGSMERASLIQKAKLAEQAERYEDMAAFMKGAVEKGEELSCEERNLLSVAYKNVVGGQRAAWRVLSSIEQKSNEEGSE
EKGPEVREYREKVETELQGVCDTVLGLLDSHLIKEAGDAESRVFYLKMKGDYYRYLAEVATGDDKKRIIDSARSAYQEAM
DISKKEMPPTNPIRLGLALNFSVFHYEIANSPEEAISLAKTTFDEAMADLHTLSEDSYKDSTLIMQLLRDNLTLWT
;
A
2 'polypeptide(L)' AEGRRA(TPO)V B
#
loop_
_chem_comp.id
_chem_comp.type
_chem_comp.name
_chem_comp.formula
MG non-polymer 'MAGNESIUM ION' 'Mg 2'
SIT non-polymer 'De-acetylated Fusicoccin' 'C34 H54 O11'
#
# COMPACT_ATOMS: atom_id res chain seq x y z
N GLY A 1 -1.96 22.73 -9.92
CA GLY A 1 -1.69 21.59 -10.78
C GLY A 1 -2.52 21.62 -12.04
N ALA A 2 -2.26 20.66 -12.94
CA ALA A 2 -2.98 20.60 -14.21
C ALA A 2 -4.47 20.32 -14.04
N MET A 3 -4.88 19.79 -12.89
CA MET A 3 -6.30 19.58 -12.59
C MET A 3 -6.95 20.74 -11.86
N GLY A 4 -6.23 21.84 -11.64
CA GLY A 4 -6.79 22.94 -10.85
C GLY A 4 -8.04 23.56 -11.45
N SER A 5 -8.20 23.49 -12.77
CA SER A 5 -9.35 24.10 -13.41
C SER A 5 -10.56 23.17 -13.50
N MET A 6 -10.44 21.92 -13.09
CA MET A 6 -11.55 20.99 -13.27
C MET A 6 -12.32 20.86 -11.96
N GLU A 7 -13.64 20.83 -12.05
CA GLU A 7 -14.51 20.67 -10.89
C GLU A 7 -14.18 19.39 -10.14
N ARG A 8 -14.26 19.45 -8.81
CA ARG A 8 -14.05 18.27 -7.98
C ARG A 8 -14.93 17.10 -8.44
N ALA A 9 -16.23 17.35 -8.66
CA ALA A 9 -17.13 16.27 -9.03
C ALA A 9 -16.75 15.67 -10.37
N SER A 10 -16.25 16.51 -11.29
CA SER A 10 -15.82 16.00 -12.59
C SER A 10 -14.56 15.15 -12.48
N LEU A 11 -13.64 15.54 -11.59
CA LEU A 11 -12.45 14.72 -11.34
C LEU A 11 -12.83 13.35 -10.80
N ILE A 12 -13.79 13.30 -9.88
CA ILE A 12 -14.24 12.02 -9.33
C ILE A 12 -14.91 11.19 -10.41
N GLN A 13 -15.76 11.82 -11.21
CA GLN A 13 -16.43 11.11 -12.30
C GLN A 13 -15.39 10.53 -13.27
N LYS A 14 -14.40 11.34 -13.66
CA LYS A 14 -13.37 10.86 -14.57
C LYS A 14 -12.49 9.78 -13.94
N ALA A 15 -12.21 9.86 -12.64
CA ALA A 15 -11.48 8.78 -11.99
C ALA A 15 -12.24 7.46 -12.11
N LYS A 16 -13.57 7.51 -12.00
CA LYS A 16 -14.36 6.28 -12.13
C LYS A 16 -14.33 5.76 -13.56
N LEU A 17 -14.38 6.67 -14.54
CA LEU A 17 -14.24 6.25 -15.94
C LEU A 17 -12.87 5.66 -16.20
N ALA A 18 -11.82 6.29 -15.66
CA ALA A 18 -10.47 5.78 -15.84
C ALA A 18 -10.34 4.38 -15.25
N GLU A 19 -10.93 4.15 -14.07
CA GLU A 19 -10.93 2.81 -13.50
C GLU A 19 -11.57 1.80 -14.44
N GLN A 20 -12.71 2.15 -15.03
CA GLN A 20 -13.39 1.22 -15.93
C GLN A 20 -12.54 0.92 -17.15
N ALA A 21 -11.76 1.89 -17.60
CA ALA A 21 -10.88 1.75 -18.74
C ALA A 21 -9.51 1.23 -18.38
N GLU A 22 -9.25 0.92 -17.11
CA GLU A 22 -7.95 0.44 -16.64
C GLU A 22 -6.83 1.42 -16.97
N ARG A 23 -7.14 2.71 -16.90
CA ARG A 23 -6.19 3.79 -17.15
C ARG A 23 -5.77 4.34 -15.79
N TYR A 24 -4.89 3.60 -15.10
CA TYR A 24 -4.65 3.90 -13.70
C TYR A 24 -3.82 5.16 -13.51
N GLU A 25 -2.91 5.46 -14.44
N GLU A 25 -2.93 5.47 -14.44
CA GLU A 25 -2.18 6.71 -14.36
CA GLU A 25 -2.18 6.71 -14.34
C GLU A 25 -3.13 7.89 -14.42
C GLU A 25 -3.12 7.91 -14.43
N ASP A 26 -4.06 7.88 -15.37
CA ASP A 26 -5.07 8.94 -15.43
C ASP A 26 -5.90 8.97 -14.15
N MET A 27 -6.37 7.80 -13.71
CA MET A 27 -7.14 7.70 -12.46
C MET A 27 -6.42 8.40 -11.31
N ALA A 28 -5.11 8.11 -11.15
CA ALA A 28 -4.33 8.70 -10.08
C ALA A 28 -4.22 10.20 -10.23
N ALA A 29 -4.01 10.68 -11.45
CA ALA A 29 -3.94 12.13 -11.68
C ALA A 29 -5.26 12.81 -11.35
N PHE A 30 -6.39 12.20 -11.73
CA PHE A 30 -7.69 12.76 -11.38
C PHE A 30 -7.87 12.79 -9.86
N MET A 31 -7.48 11.71 -9.17
CA MET A 31 -7.70 11.68 -7.74
C MET A 31 -6.75 12.61 -6.99
N LYS A 32 -5.51 12.78 -7.47
CA LYS A 32 -4.64 13.80 -6.91
C LYS A 32 -5.28 15.18 -7.04
N GLY A 33 -5.83 15.47 -8.22
CA GLY A 33 -6.54 16.74 -8.38
C GLY A 33 -7.68 16.89 -7.41
N ALA A 34 -8.44 15.81 -7.18
CA ALA A 34 -9.55 15.89 -6.24
C ALA A 34 -9.05 16.17 -4.82
N VAL A 35 -8.01 15.45 -4.39
CA VAL A 35 -7.45 15.69 -3.06
C VAL A 35 -7.03 17.13 -2.92
N GLU A 36 -6.42 17.69 -3.97
CA GLU A 36 -5.89 19.03 -3.91
C GLU A 36 -6.98 20.10 -3.91
N LYS A 37 -8.26 19.73 -4.07
CA LYS A 37 -9.33 20.69 -3.83
C LYS A 37 -9.44 21.07 -2.35
N GLY A 38 -8.86 20.26 -1.45
CA GLY A 38 -8.76 20.62 -0.06
C GLY A 38 -9.87 20.10 0.82
N GLU A 39 -10.90 19.50 0.26
CA GLU A 39 -11.97 18.91 1.04
C GLU A 39 -11.61 17.48 1.40
N GLU A 40 -12.15 17.01 2.51
CA GLU A 40 -12.00 15.61 2.89
C GLU A 40 -12.60 14.70 1.84
N LEU A 41 -12.13 13.44 1.80
CA LEU A 41 -12.64 12.44 0.87
C LEU A 41 -13.65 11.57 1.58
N SER A 42 -14.70 11.18 0.85
CA SER A 42 -15.63 10.16 1.35
C SER A 42 -14.98 8.78 1.28
N CYS A 43 -15.69 7.80 1.85
N CYS A 43 -15.69 7.78 1.84
CA CYS A 43 -15.20 6.42 1.82
CA CYS A 43 -15.19 6.41 1.81
C CYS A 43 -14.96 5.94 0.39
C CYS A 43 -14.96 5.94 0.38
N GLU A 44 -15.92 6.17 -0.51
CA GLU A 44 -15.78 5.73 -1.89
C GLU A 44 -14.62 6.44 -2.56
N GLU A 45 -14.46 7.73 -2.29
CA GLU A 45 -13.36 8.50 -2.88
C GLU A 45 -12.00 8.01 -2.38
N ARG A 46 -11.90 7.67 -1.09
CA ARG A 46 -10.64 7.12 -0.57
C ARG A 46 -10.28 5.85 -1.32
N ASN A 47 -11.28 5.00 -1.60
CA ASN A 47 -10.99 3.77 -2.33
C ASN A 47 -10.47 4.05 -3.73
N LEU A 48 -11.05 5.05 -4.42
CA LEU A 48 -10.55 5.42 -5.74
C LEU A 48 -9.11 5.89 -5.69
N LEU A 49 -8.78 6.71 -4.70
CA LEU A 49 -7.40 7.19 -4.53
C LEU A 49 -6.46 6.02 -4.34
N SER A 50 -6.81 5.11 -3.42
CA SER A 50 -5.89 4.03 -3.10
C SER A 50 -5.72 3.07 -4.25
N VAL A 51 -6.80 2.76 -4.96
CA VAL A 51 -6.71 1.81 -6.08
C VAL A 51 -5.86 2.39 -7.20
N ALA A 52 -6.04 3.68 -7.50
CA ALA A 52 -5.30 4.30 -8.59
C ALA A 52 -3.80 4.18 -8.35
N TYR A 53 -3.35 4.63 -7.18
CA TYR A 53 -1.92 4.61 -6.91
C TYR A 53 -1.41 3.19 -6.67
N LYS A 54 -2.22 2.31 -6.09
CA LYS A 54 -1.76 0.94 -5.86
C LYS A 54 -1.42 0.29 -7.19
N ASN A 55 -2.23 0.58 -8.22
CA ASN A 55 -2.00 -0.02 -9.52
C ASN A 55 -0.84 0.63 -10.25
N VAL A 56 -0.71 1.95 -10.18
CA VAL A 56 0.44 2.61 -10.80
C VAL A 56 1.74 2.07 -10.20
N VAL A 57 1.86 2.13 -8.87
N VAL A 57 1.88 2.15 -8.87
CA VAL A 57 3.11 1.72 -8.24
CA VAL A 57 3.13 1.71 -8.26
C VAL A 57 3.29 0.21 -8.33
C VAL A 57 3.29 0.20 -8.37
N GLY A 58 2.18 -0.54 -8.39
CA GLY A 58 2.31 -1.99 -8.53
C GLY A 58 2.97 -2.37 -9.83
N GLY A 59 2.59 -1.71 -10.93
CA GLY A 59 3.27 -1.94 -12.19
C GLY A 59 4.74 -1.53 -12.15
N GLN A 60 5.04 -0.40 -11.52
CA GLN A 60 6.42 0.04 -11.46
C GLN A 60 7.25 -0.93 -10.64
N ARG A 61 6.70 -1.42 -9.52
CA ARG A 61 7.43 -2.34 -8.65
C ARG A 61 7.68 -3.66 -9.36
N ALA A 62 6.67 -4.17 -10.08
CA ALA A 62 6.85 -5.42 -10.83
C ALA A 62 7.95 -5.27 -11.86
N ALA A 63 8.00 -4.12 -12.56
CA ALA A 63 9.05 -3.87 -13.52
C ALA A 63 10.40 -3.76 -12.84
N TRP A 64 10.45 -3.08 -11.70
CA TRP A 64 11.70 -2.95 -10.94
C TRP A 64 12.24 -4.32 -10.54
N ARG A 65 11.36 -5.24 -10.14
CA ARG A 65 11.80 -6.56 -9.71
C ARG A 65 12.36 -7.35 -10.89
N VAL A 66 11.73 -7.23 -12.07
CA VAL A 66 12.28 -7.88 -13.27
C VAL A 66 13.70 -7.37 -13.54
N LEU A 67 13.87 -6.06 -13.54
CA LEU A 67 15.15 -5.47 -13.89
C LEU A 67 16.19 -5.74 -12.81
N SER A 68 15.77 -5.71 -11.54
N SER A 68 15.77 -5.71 -11.54
CA SER A 68 16.68 -6.02 -10.45
CA SER A 68 16.69 -6.01 -10.45
C SER A 68 17.21 -7.45 -10.56
C SER A 68 17.20 -7.44 -10.54
N SER A 69 16.32 -8.38 -10.93
CA SER A 69 16.75 -9.77 -11.09
C SER A 69 17.77 -9.91 -12.22
N ILE A 70 17.55 -9.21 -13.32
CA ILE A 70 18.50 -9.23 -14.43
C ILE A 70 19.82 -8.65 -13.98
N GLU A 71 19.76 -7.54 -13.23
CA GLU A 71 20.97 -6.89 -12.75
C GLU A 71 21.76 -7.81 -11.83
N GLN A 72 21.07 -8.51 -10.92
CA GLN A 72 21.78 -9.42 -10.02
C GLN A 72 22.46 -10.53 -10.81
N LYS A 73 21.77 -11.11 -11.78
CA LYS A 73 22.37 -12.17 -12.58
C LYS A 73 23.59 -11.66 -13.34
N SER A 74 23.56 -10.39 -13.76
CA SER A 74 24.68 -9.81 -14.49
C SER A 74 25.89 -9.55 -13.61
N ASN A 75 25.72 -9.59 -12.28
CA ASN A 75 26.82 -9.35 -11.36
C ASN A 75 27.32 -10.64 -10.71
N GLU A 76 26.94 -11.81 -11.24
CA GLU A 76 27.39 -13.08 -10.73
C GLU A 76 28.69 -13.50 -11.41
N GLU A 77 29.34 -14.51 -10.82
CA GLU A 77 30.58 -15.03 -11.38
C GLU A 77 30.31 -15.68 -12.73
N GLY A 78 31.12 -15.33 -13.73
CA GLY A 78 30.99 -15.88 -15.06
C GLY A 78 30.10 -15.08 -16.00
N SER A 79 29.44 -14.05 -15.52
CA SER A 79 28.52 -13.27 -16.35
C SER A 79 29.31 -12.29 -17.21
N GLU A 80 28.99 -12.23 -18.49
CA GLU A 80 29.66 -11.30 -19.39
C GLU A 80 29.28 -9.87 -19.06
N GLU A 81 30.28 -8.98 -19.05
CA GLU A 81 30.03 -7.57 -18.80
C GLU A 81 29.21 -6.99 -19.94
N LYS A 82 28.02 -6.49 -19.63
CA LYS A 82 27.12 -5.93 -20.63
C LYS A 82 27.01 -4.40 -20.54
N GLY A 83 27.87 -3.77 -19.73
CA GLY A 83 27.87 -2.33 -19.64
C GLY A 83 26.91 -1.79 -18.60
N PRO A 84 26.72 -0.48 -18.58
CA PRO A 84 25.92 0.16 -17.53
C PRO A 84 24.42 0.13 -17.77
N GLU A 85 23.95 -0.41 -18.90
CA GLU A 85 22.56 -0.21 -19.31
C GLU A 85 21.55 -0.82 -18.34
N VAL A 86 21.81 -2.01 -17.82
CA VAL A 86 20.84 -2.63 -16.93
C VAL A 86 20.67 -1.81 -15.66
N ARG A 87 21.79 -1.43 -15.05
CA ARG A 87 21.74 -0.57 -13.87
C ARG A 87 21.04 0.74 -14.19
N GLU A 88 21.39 1.36 -15.32
CA GLU A 88 20.80 2.64 -15.68
C GLU A 88 19.29 2.53 -15.80
N TYR A 89 18.81 1.47 -16.47
CA TYR A 89 17.37 1.36 -16.68
C TYR A 89 16.65 0.98 -15.39
N ARG A 90 17.25 0.11 -14.58
CA ARG A 90 16.69 -0.16 -13.25
C ARG A 90 16.61 1.14 -12.43
N GLU A 91 17.66 1.97 -12.48
CA GLU A 91 17.63 3.25 -11.79
C GLU A 91 16.53 4.16 -12.31
N LYS A 92 16.31 4.17 -13.64
CA LYS A 92 15.26 4.99 -14.21
C LYS A 92 13.90 4.59 -13.66
N VAL A 93 13.59 3.30 -13.70
CA VAL A 93 12.32 2.82 -13.15
C VAL A 93 12.24 3.10 -11.66
N GLU A 94 13.34 2.88 -10.94
CA GLU A 94 13.36 3.15 -9.51
C GLU A 94 13.06 4.61 -9.19
N THR A 95 13.66 5.54 -9.94
CA THR A 95 13.45 6.95 -9.67
C THR A 95 12.01 7.35 -9.94
N GLU A 96 11.41 6.80 -10.99
N GLU A 96 11.41 6.80 -10.99
CA GLU A 96 10.02 7.07 -11.28
CA GLU A 96 10.01 7.09 -11.27
C GLU A 96 9.10 6.52 -10.18
C GLU A 96 9.12 6.54 -10.16
N LEU A 97 9.39 5.31 -9.72
CA LEU A 97 8.64 4.71 -8.62
C LEU A 97 8.75 5.57 -7.36
N GLN A 98 9.97 6.00 -7.03
CA GLN A 98 10.16 6.85 -5.85
C GLN A 98 9.39 8.15 -5.98
N GLY A 99 9.34 8.70 -7.19
CA GLY A 99 8.57 9.91 -7.41
C GLY A 99 7.10 9.71 -7.13
N VAL A 100 6.54 8.57 -7.54
CA VAL A 100 5.13 8.32 -7.26
C VAL A 100 4.91 8.14 -5.76
N CYS A 101 5.80 7.40 -5.09
CA CYS A 101 5.68 7.27 -3.64
C CYS A 101 5.74 8.62 -2.96
N ASP A 102 6.67 9.49 -3.39
CA ASP A 102 6.77 10.81 -2.78
C ASP A 102 5.50 11.62 -3.01
N THR A 103 4.89 11.46 -4.19
CA THR A 103 3.66 12.18 -4.47
C THR A 103 2.54 11.73 -3.53
N VAL A 104 2.39 10.42 -3.36
CA VAL A 104 1.36 9.90 -2.47
C VAL A 104 1.61 10.35 -1.03
N LEU A 105 2.86 10.20 -0.56
CA LEU A 105 3.17 10.60 0.79
C LEU A 105 2.93 12.09 0.98
N GLY A 106 3.18 12.89 -0.06
CA GLY A 106 2.89 14.32 0.04
C GLY A 106 1.41 14.63 0.15
N LEU A 107 0.57 13.89 -0.58
CA LEU A 107 -0.86 14.09 -0.45
C LEU A 107 -1.33 13.72 0.95
N LEU A 108 -0.81 12.61 1.48
CA LEU A 108 -1.19 12.20 2.82
C LEU A 108 -0.75 13.24 3.85
N ASP A 109 0.43 13.82 3.67
CA ASP A 109 0.92 14.81 4.62
C ASP A 109 0.32 16.20 4.40
N SER A 110 -0.28 16.46 3.24
CA SER A 110 -0.78 17.80 2.87
C SER A 110 -2.11 17.64 2.12
N HIS A 111 -3.19 17.40 2.87
CA HIS A 111 -3.30 17.41 4.32
C HIS A 111 -4.31 16.36 4.76
N LEU A 112 -4.29 15.20 4.09
CA LEU A 112 -5.31 14.18 4.33
C LEU A 112 -5.24 13.65 5.76
N ILE A 113 -4.05 13.34 6.25
CA ILE A 113 -3.95 12.72 7.57
C ILE A 113 -4.35 13.69 8.67
N LYS A 114 -3.88 14.94 8.62
CA LYS A 114 -4.16 15.86 9.72
C LYS A 114 -5.65 16.17 9.84
N GLU A 115 -6.41 16.07 8.76
CA GLU A 115 -7.84 16.37 8.82
C GLU A 115 -8.71 15.13 9.07
N ALA A 116 -8.11 13.93 9.11
CA ALA A 116 -8.86 12.68 9.24
C ALA A 116 -9.03 12.34 10.72
N GLY A 117 -10.26 12.45 11.21
CA GLY A 117 -10.56 12.19 12.60
C GLY A 117 -11.34 10.91 12.86
N ASP A 118 -12.16 10.49 11.92
CA ASP A 118 -12.85 9.21 12.08
C ASP A 118 -11.88 8.06 11.85
N ALA A 119 -12.09 6.97 12.58
CA ALA A 119 -11.16 5.84 12.49
C ALA A 119 -11.05 5.32 11.05
N GLU A 120 -12.17 5.24 10.34
CA GLU A 120 -12.16 4.65 8.99
C GLU A 120 -11.35 5.49 8.00
N SER A 121 -11.21 6.79 8.25
CA SER A 121 -10.36 7.56 7.35
C SER A 121 -8.93 7.59 7.86
N ARG A 122 -8.75 7.76 9.18
CA ARG A 122 -7.41 7.91 9.71
C ARG A 122 -6.59 6.63 9.54
N VAL A 123 -7.18 5.47 9.85
CA VAL A 123 -6.48 4.20 9.68
C VAL A 123 -6.17 3.95 8.22
N PHE A 124 -7.12 4.28 7.34
CA PHE A 124 -6.93 4.12 5.90
C PHE A 124 -5.72 4.91 5.42
N TYR A 125 -5.65 6.19 5.78
CA TYR A 125 -4.53 7.02 5.33
C TYR A 125 -3.22 6.60 5.96
N LEU A 126 -3.23 6.19 7.23
CA LEU A 126 -1.99 5.73 7.85
C LEU A 126 -1.52 4.41 7.26
N LYS A 127 -2.44 3.50 6.93
CA LYS A 127 -2.06 2.31 6.17
C LYS A 127 -1.38 2.71 4.86
N MET A 128 -1.96 3.64 4.12
CA MET A 128 -1.36 4.09 2.88
C MET A 128 0.04 4.64 3.14
N LYS A 129 0.20 5.42 4.20
CA LYS A 129 1.52 5.97 4.51
C LYS A 129 2.53 4.85 4.77
N GLY A 130 2.12 3.83 5.53
CA GLY A 130 3.00 2.69 5.73
C GLY A 130 3.32 1.97 4.43
N ASP A 131 2.29 1.78 3.58
CA ASP A 131 2.50 1.10 2.30
C ASP A 131 3.53 1.82 1.45
N TYR A 132 3.42 3.15 1.33
CA TYR A 132 4.29 3.86 0.40
C TYR A 132 5.69 4.05 0.97
N TYR A 133 5.84 4.16 2.30
CA TYR A 133 7.19 4.04 2.85
C TYR A 133 7.74 2.64 2.65
N ARG A 134 6.89 1.61 2.73
CA ARG A 134 7.35 0.25 2.50
C ARG A 134 7.86 0.08 1.06
N TYR A 135 7.15 0.67 0.08
CA TYR A 135 7.64 0.58 -1.30
C TYR A 135 8.96 1.32 -1.46
N LEU A 136 9.13 2.46 -0.77
CA LEU A 136 10.44 3.10 -0.76
C LEU A 136 11.50 2.20 -0.13
N ALA A 137 11.12 1.44 0.91
CA ALA A 137 12.09 0.57 1.57
C ALA A 137 12.50 -0.59 0.69
N GLU A 138 11.60 -1.04 -0.20
CA GLU A 138 11.91 -2.16 -1.08
C GLU A 138 13.10 -1.86 -1.98
N VAL A 139 13.31 -0.59 -2.33
CA VAL A 139 14.36 -0.19 -3.27
C VAL A 139 15.51 0.56 -2.60
N ALA A 140 15.41 0.83 -1.30
CA ALA A 140 16.39 1.65 -0.63
C ALA A 140 17.65 0.85 -0.33
N THR A 141 18.79 1.52 -0.44
CA THR A 141 20.10 0.91 -0.18
C THR A 141 21.08 1.88 0.45
N GLY A 142 20.62 3.01 0.99
CA GLY A 142 21.52 4.05 1.41
C GLY A 142 21.46 4.42 2.89
N ASP A 143 22.03 5.58 3.22
CA ASP A 143 22.13 6.02 4.61
C ASP A 143 20.75 6.13 5.26
N ASP A 144 19.72 6.40 4.47
CA ASP A 144 18.38 6.64 4.98
C ASP A 144 17.50 5.40 5.05
N LYS A 145 18.02 4.24 4.61
CA LYS A 145 17.23 3.00 4.60
C LYS A 145 16.56 2.69 5.94
N LYS A 146 17.33 2.73 7.03
CA LYS A 146 16.72 2.41 8.31
C LYS A 146 15.64 3.42 8.68
N ARG A 147 15.81 4.69 8.29
CA ARG A 147 14.79 5.67 8.63
C ARG A 147 13.56 5.49 7.78
N ILE A 148 13.72 5.05 6.53
CA ILE A 148 12.56 4.74 5.70
C ILE A 148 11.77 3.59 6.30
N ILE A 149 12.48 2.53 6.70
CA ILE A 149 11.83 1.39 7.33
C ILE A 149 11.12 1.81 8.60
N ASP A 150 11.76 2.67 9.41
CA ASP A 150 11.09 3.06 10.65
C ASP A 150 9.90 3.96 10.38
N SER A 151 9.93 4.75 9.30
CA SER A 151 8.77 5.55 8.92
C SER A 151 7.59 4.66 8.55
N ALA A 152 7.85 3.58 7.80
CA ALA A 152 6.78 2.64 7.49
C ALA A 152 6.24 2.01 8.77
N ARG A 153 7.13 1.50 9.62
N ARG A 153 7.13 1.52 9.63
CA ARG A 153 6.73 0.91 10.90
CA ARG A 153 6.72 0.90 10.88
C ARG A 153 5.88 1.86 11.71
C ARG A 153 5.89 1.85 11.73
N SER A 154 6.33 3.11 11.85
CA SER A 154 5.63 4.07 12.71
C SER A 154 4.22 4.33 12.22
N ALA A 155 4.06 4.48 10.90
CA ALA A 155 2.73 4.72 10.33
C ALA A 155 1.83 3.51 10.54
N TYR A 156 2.33 2.32 10.23
CA TYR A 156 1.56 1.10 10.46
C TYR A 156 1.19 0.94 11.93
N GLN A 157 2.11 1.28 12.83
CA GLN A 157 1.85 1.05 14.25
C GLN A 157 0.76 1.97 14.75
N GLU A 158 0.81 3.25 14.37
CA GLU A 158 -0.28 4.16 14.74
C GLU A 158 -1.61 3.68 14.18
N ALA A 159 -1.63 3.24 12.91
CA ALA A 159 -2.86 2.72 12.33
C ALA A 159 -3.35 1.50 13.10
N MET A 160 -2.43 0.63 13.51
N MET A 160 -2.43 0.64 13.51
CA MET A 160 -2.79 -0.57 14.26
CA MET A 160 -2.81 -0.55 14.25
C MET A 160 -3.41 -0.19 15.60
C MET A 160 -3.42 -0.19 15.59
N ASP A 161 -2.81 0.77 16.30
CA ASP A 161 -3.30 1.16 17.61
C ASP A 161 -4.73 1.71 17.50
N ILE A 162 -4.98 2.58 16.51
CA ILE A 162 -6.32 3.12 16.31
C ILE A 162 -7.30 2.01 15.93
N SER A 163 -6.90 1.14 14.99
CA SER A 163 -7.79 0.11 14.50
C SER A 163 -8.23 -0.85 15.60
N LYS A 164 -7.32 -1.20 16.52
CA LYS A 164 -7.70 -2.11 17.60
C LYS A 164 -8.64 -1.44 18.60
N LYS A 165 -8.51 -0.13 18.79
CA LYS A 165 -9.36 0.58 19.72
C LYS A 165 -10.72 0.91 19.13
N GLU A 166 -10.81 1.16 17.82
CA GLU A 166 -11.97 1.83 17.25
C GLU A 166 -12.72 1.04 16.21
N MET A 167 -12.17 -0.08 15.73
CA MET A 167 -12.82 -0.87 14.70
C MET A 167 -13.02 -2.30 15.16
N PRO A 168 -14.08 -2.96 14.69
CA PRO A 168 -14.25 -4.39 14.98
C PRO A 168 -13.18 -5.21 14.26
N PRO A 169 -12.88 -6.40 14.76
CA PRO A 169 -11.79 -7.19 14.18
C PRO A 169 -12.05 -7.62 12.76
N THR A 170 -13.30 -7.58 12.30
CA THR A 170 -13.66 -7.95 10.94
C THR A 170 -13.63 -6.78 9.97
N ASN A 171 -13.38 -5.57 10.43
CA ASN A 171 -13.39 -4.42 9.54
C ASN A 171 -12.36 -4.61 8.42
N PRO A 172 -12.76 -4.44 7.15
CA PRO A 172 -11.81 -4.76 6.05
C PRO A 172 -10.56 -3.90 6.08
N ILE A 173 -10.67 -2.64 6.50
CA ILE A 173 -9.48 -1.80 6.57
C ILE A 173 -8.55 -2.32 7.66
N ARG A 174 -9.09 -2.66 8.83
CA ARG A 174 -8.27 -3.25 9.88
C ARG A 174 -7.60 -4.54 9.39
N LEU A 175 -8.34 -5.39 8.68
CA LEU A 175 -7.76 -6.63 8.19
C LEU A 175 -6.67 -6.38 7.15
N GLY A 176 -6.92 -5.47 6.22
CA GLY A 176 -5.91 -5.21 5.19
C GLY A 176 -4.66 -4.56 5.76
N LEU A 177 -4.83 -3.68 6.76
CA LEU A 177 -3.70 -3.11 7.46
C LEU A 177 -2.85 -4.21 8.09
N ALA A 178 -3.51 -5.15 8.76
CA ALA A 178 -2.79 -6.23 9.42
C ALA A 178 -2.07 -7.11 8.40
N LEU A 179 -2.73 -7.40 7.27
CA LEU A 179 -2.09 -8.19 6.21
C LEU A 179 -0.80 -7.53 5.76
N ASN A 180 -0.85 -6.23 5.51
CA ASN A 180 0.31 -5.53 4.96
C ASN A 180 1.39 -5.32 6.00
N PHE A 181 1.01 -5.01 7.24
CA PHE A 181 2.01 -4.85 8.29
C PHE A 181 2.72 -6.18 8.55
N SER A 182 1.96 -7.29 8.48
CA SER A 182 2.58 -8.61 8.60
C SER A 182 3.60 -8.85 7.48
N VAL A 183 3.24 -8.47 6.24
CA VAL A 183 4.21 -8.60 5.14
C VAL A 183 5.43 -7.71 5.37
N PHE A 184 5.21 -6.47 5.85
CA PHE A 184 6.32 -5.61 6.26
C PHE A 184 7.25 -6.33 7.24
N HIS A 185 6.69 -6.92 8.29
CA HIS A 185 7.52 -7.65 9.25
C HIS A 185 8.30 -8.77 8.56
N TYR A 186 7.63 -9.52 7.67
CA TYR A 186 8.25 -10.71 7.08
C TYR A 186 9.42 -10.34 6.18
N GLU A 187 9.22 -9.36 5.29
CA GLU A 187 10.17 -9.20 4.20
C GLU A 187 10.93 -7.88 4.19
N ILE A 188 10.54 -6.92 5.02
CA ILE A 188 11.27 -5.66 5.19
C ILE A 188 12.05 -5.64 6.50
N ALA A 189 11.41 -6.00 7.61
CA ALA A 189 11.98 -5.87 8.93
C ALA A 189 12.68 -7.12 9.42
N ASN A 190 12.76 -8.17 8.61
CA ASN A 190 13.47 -9.39 8.99
C ASN A 190 12.90 -9.97 10.29
N SER A 191 11.57 -9.95 10.41
CA SER A 191 10.87 -10.44 11.60
C SER A 191 9.77 -11.42 11.20
N PRO A 192 10.14 -12.57 10.63
CA PRO A 192 9.10 -13.53 10.21
C PRO A 192 8.22 -14.03 11.35
N GLU A 193 8.77 -14.18 12.56
CA GLU A 193 7.94 -14.63 13.67
C GLU A 193 6.85 -13.61 13.99
N GLU A 194 7.21 -12.33 13.99
CA GLU A 194 6.21 -11.28 14.20
C GLU A 194 5.19 -11.28 13.07
N ALA A 195 5.64 -11.48 11.83
CA ALA A 195 4.73 -11.53 10.69
C ALA A 195 3.70 -12.65 10.87
N ILE A 196 4.17 -13.83 11.25
CA ILE A 196 3.28 -14.98 11.40
C ILE A 196 2.33 -14.78 12.57
N SER A 197 2.85 -14.28 13.69
N SER A 197 2.85 -14.29 13.70
CA SER A 197 2.00 -14.06 14.86
CA SER A 197 2.01 -14.05 14.87
C SER A 197 0.90 -13.05 14.56
C SER A 197 0.90 -13.06 14.54
N LEU A 198 1.26 -11.96 13.87
CA LEU A 198 0.26 -10.95 13.54
C LEU A 198 -0.82 -11.52 12.61
N ALA A 199 -0.40 -12.27 11.58
CA ALA A 199 -1.37 -12.83 10.65
C ALA A 199 -2.29 -13.81 11.36
N LYS A 200 -1.75 -14.63 12.27
CA LYS A 200 -2.56 -15.64 12.93
C LYS A 200 -3.55 -15.01 13.90
N THR A 201 -3.07 -14.10 14.75
N THR A 201 -3.09 -14.08 14.74
CA THR A 201 -3.93 -13.42 15.70
CA THR A 201 -4.00 -13.45 15.70
C THR A 201 -5.04 -12.64 14.98
C THR A 201 -5.07 -12.63 14.98
N THR A 202 -4.70 -11.94 13.91
CA THR A 202 -5.69 -11.18 13.16
C THR A 202 -6.76 -12.10 12.59
N PHE A 203 -6.33 -13.23 12.02
CA PHE A 203 -7.28 -14.16 11.44
C PHE A 203 -8.21 -14.72 12.51
N ASP A 204 -7.65 -15.16 13.64
CA ASP A 204 -8.45 -15.80 14.67
C ASP A 204 -9.45 -14.83 15.30
N GLU A 205 -9.04 -13.58 15.53
CA GLU A 205 -9.96 -12.61 16.11
C GLU A 205 -11.07 -12.24 15.14
N ALA A 206 -10.76 -12.19 13.84
CA ALA A 206 -11.80 -11.93 12.86
C ALA A 206 -12.79 -13.08 12.79
N MET A 207 -12.28 -14.32 12.81
N MET A 207 -12.28 -14.33 12.81
CA MET A 207 -13.15 -15.49 12.80
CA MET A 207 -13.17 -15.49 12.80
C MET A 207 -14.20 -15.41 13.90
C MET A 207 -14.21 -15.39 13.90
N ALA A 208 -13.77 -15.01 15.11
CA ALA A 208 -14.65 -14.96 16.26
C ALA A 208 -15.69 -13.83 16.19
N ASP A 209 -15.53 -12.86 15.28
CA ASP A 209 -16.45 -11.73 15.18
C ASP A 209 -17.36 -11.83 13.97
N LEU A 210 -17.16 -12.84 13.12
CA LEU A 210 -17.99 -12.98 11.92
C LEU A 210 -19.47 -13.12 12.25
N HIS A 211 -19.81 -13.66 13.43
CA HIS A 211 -21.20 -13.93 13.75
C HIS A 211 -22.03 -12.66 13.88
N THR A 212 -21.41 -11.50 14.05
CA THR A 212 -22.15 -10.25 14.21
C THR A 212 -22.56 -9.64 12.87
N LEU A 213 -22.11 -10.21 11.76
CA LEU A 213 -22.15 -9.53 10.47
C LEU A 213 -23.34 -9.97 9.63
N SER A 214 -23.79 -9.06 8.77
CA SER A 214 -24.69 -9.41 7.68
C SER A 214 -23.97 -10.26 6.65
N GLU A 215 -24.75 -10.81 5.71
CA GLU A 215 -24.18 -11.62 4.63
C GLU A 215 -23.17 -10.81 3.81
N ASP A 216 -23.51 -9.55 3.49
CA ASP A 216 -22.62 -8.75 2.66
C ASP A 216 -21.33 -8.41 3.39
N SER A 217 -21.43 -8.02 4.66
CA SER A 217 -20.23 -7.72 5.43
C SER A 217 -19.39 -8.98 5.64
N TYR A 218 -20.05 -10.12 5.87
CA TYR A 218 -19.37 -11.40 6.01
C TYR A 218 -18.53 -11.71 4.78
N LYS A 219 -19.10 -11.51 3.60
CA LYS A 219 -18.34 -11.72 2.36
C LYS A 219 -17.12 -10.79 2.31
N ASP A 220 -17.32 -9.51 2.62
CA ASP A 220 -16.21 -8.55 2.57
C ASP A 220 -15.06 -8.93 3.50
N SER A 221 -15.38 -9.35 4.72
CA SER A 221 -14.31 -9.64 5.69
C SER A 221 -13.60 -10.94 5.35
N THR A 222 -14.36 -11.98 5.00
CA THR A 222 -13.74 -13.27 4.72
C THR A 222 -12.79 -13.22 3.52
N LEU A 223 -13.01 -12.28 2.60
CA LEU A 223 -12.09 -12.17 1.46
C LEU A 223 -10.67 -11.85 1.93
N ILE A 224 -10.51 -10.83 2.78
CA ILE A 224 -9.15 -10.49 3.23
C ILE A 224 -8.62 -11.55 4.19
N MET A 225 -9.52 -12.17 4.97
CA MET A 225 -9.10 -13.28 5.83
C MET A 225 -8.43 -14.39 5.02
N GLN A 226 -8.96 -14.69 3.82
CA GLN A 226 -8.33 -15.70 2.99
C GLN A 226 -6.92 -15.28 2.57
N LEU A 227 -6.68 -13.98 2.39
CA LEU A 227 -5.32 -13.54 2.09
C LEU A 227 -4.38 -13.77 3.26
N LEU A 228 -4.84 -13.48 4.49
CA LEU A 228 -4.06 -13.80 5.67
C LEU A 228 -3.73 -15.30 5.71
N ARG A 229 -4.74 -16.13 5.44
CA ARG A 229 -4.50 -17.57 5.45
C ARG A 229 -3.54 -17.99 4.34
N ASP A 230 -3.66 -17.36 3.16
CA ASP A 230 -2.73 -17.66 2.08
C ASP A 230 -1.31 -17.37 2.49
N ASN A 231 -1.08 -16.24 3.15
CA ASN A 231 0.27 -15.92 3.57
C ASN A 231 0.77 -16.87 4.64
N LEU A 232 -0.09 -17.22 5.60
CA LEU A 232 0.30 -18.18 6.61
C LEU A 232 0.68 -19.52 6.00
N THR A 233 -0.06 -19.95 4.97
CA THR A 233 0.27 -21.22 4.31
C THR A 233 1.61 -21.14 3.61
N LEU A 234 1.90 -20.00 2.99
CA LEU A 234 3.17 -19.82 2.30
C LEU A 234 4.34 -19.81 3.29
N TRP A 235 4.11 -19.26 4.49
CA TRP A 235 5.20 -19.02 5.43
C TRP A 235 5.40 -20.13 6.44
N THR A 236 4.51 -21.12 6.48
CA THR A 236 4.59 -22.19 7.48
C THR A 236 4.49 -23.57 6.82
N ARG B 4 3.23 -15.70 -4.86
CA ARG B 4 3.76 -14.51 -4.23
C ARG B 4 2.82 -14.09 -3.09
N ARG B 5 3.40 -13.69 -1.96
CA ARG B 5 2.62 -13.31 -0.80
C ARG B 5 1.66 -12.17 -1.13
N ALA B 6 0.57 -12.10 -0.40
CA ALA B 6 -0.50 -11.15 -0.68
C ALA B 6 -0.39 -9.88 0.16
N TPO B 7 -0.53 -8.73 -0.50
CA TPO B 7 -0.85 -7.47 0.16
CB TPO B 7 0.33 -6.48 0.10
CG2 TPO B 7 1.46 -6.97 1.01
OG1 TPO B 7 0.73 -6.39 -1.29
P TPO B 7 1.66 -5.13 -1.73
O1P TPO B 7 1.46 -5.08 -3.30
O2P TPO B 7 3.09 -5.41 -1.40
O3P TPO B 7 1.13 -3.80 -1.02
C TPO B 7 -2.08 -6.88 -0.52
O TPO B 7 -2.49 -7.32 -1.61
N VAL B 8 -2.69 -5.90 0.13
CA VAL B 8 -3.95 -5.34 -0.36
C VAL B 8 -3.98 -3.83 -0.23
MG MG C . -15.98 23.98 -7.64
MG MG D . 18.46 5.04 -7.01
MG MG E . 9.66 -19.81 15.78
C10 SIT F . -9.55 -1.71 -1.72
C01 SIT F . -10.29 -6.26 -0.88
C02 SIT F . -11.17 -5.16 -1.47
C03 SIT F . -11.86 -5.66 -2.73
C05 SIT F . -13.93 -6.68 -2.04
C06 SIT F . -14.90 -7.16 -3.06
C08 SIT F . -10.38 -3.90 -1.71
C09 SIT F . -10.67 -2.66 -1.30
C11 SIT F . -8.98 -2.46 -2.94
C13 SIT F . -9.11 -3.91 -2.52
C14 SIT F . -10.12 -0.34 -2.15
C15 SIT F . -8.48 -1.46 -0.66
C16 SIT F . -8.38 -1.84 0.63
C17 SIT F . -9.29 -2.74 1.45
C18 SIT F . -8.42 -3.10 2.65
C19 SIT F . -7.62 -1.82 2.90
C20 SIT F . -7.22 -1.39 1.50
C21 SIT F . -6.96 0.11 1.41
C23 SIT F . -5.56 1.81 2.21
C24 SIT F . -10.67 -2.11 1.80
C25 SIT F . -10.68 -0.59 1.81
C26 SIT F . -11.81 -2.69 0.94
C28 SIT F . -11.87 -2.19 -0.52
C30 SIT F . -13.87 -2.02 -1.86
C31 SIT F . -15.24 -2.60 -2.09
C33 SIT F . -15.09 -3.56 -3.25
C35 SIT F . -14.45 -2.84 -4.45
C37 SIT F . -13.18 -2.03 -4.05
C38 SIT F . -12.74 -1.12 -5.16
C40 SIT F . -13.70 0.27 -6.85
C41 SIT F . -13.18 -0.71 -7.90
C42 SIT F . -12.72 1.40 -6.63
C43 SIT F . -11.66 1.64 -7.33
C44 SIT F . -15.05 0.82 -7.26
O04 SIT F . -12.66 -6.84 -2.49
O07 SIT F . -14.25 -6.25 -0.96
O12 SIT F . -7.66 -2.11 -3.31
O22 SIT F . -5.84 0.42 2.22
O27 SIT F . -13.05 -2.34 1.56
O29 SIT F . -13.06 -2.81 -1.08
O32 SIT F . -15.76 -3.17 -0.89
O34 SIT F . -16.35 -4.11 -3.63
O36 SIT F . -14.10 -3.77 -5.47
O39 SIT F . -13.89 -0.42 -5.61
O45 SIT F . -13.48 -1.20 -2.91
#